data_1W4T
#
_entry.id   1W4T
#
_cell.length_a   81.667
_cell.length_b   81.667
_cell.length_c   79.580
_cell.angle_alpha   90.00
_cell.angle_beta   90.00
_cell.angle_gamma   120.00
#
_symmetry.space_group_name_H-M   'P 32 2 1'
#
loop_
_entity.id
_entity.type
_entity.pdbx_description
1 polymer 'Arylamine N-acetyltransferase'
2 non-polymer 'SULFATE ION'
3 water water
#
_entity_poly.entity_id   1
_entity_poly.type   'polypeptide(L)'
_entity_poly.pdbx_seq_one_letter_code
;MGSSHHHHHHSSGLVPRGSHMTPLTPEQTHAYLHHIGIDDPGPPSLANLDRLIDAHLRRVAFENLDVLLDRPIEIDADKV
FAKVVEGSRGGYCFELNSLFARLLLALGYELELLVARVRWGLPDDAPLTQQSHLMLRLYLAEGEFLVDVGFGSANPPRAL
PLPGDEADAGQVHCVRLVDPHAGLYESAVRGRSGWLPLYRFDLRPQLWIDYIPRNWYTSTHPHSVFRQGLKAAITEGDLR
LTLADGLFGQRAGNGETLQRQLRDVEELLDILQTRFRLRLDPASEVPALARRLAGLISA
;
_entity_poly.pdbx_strand_id   A
#
loop_
_chem_comp.id
_chem_comp.type
_chem_comp.name
_chem_comp.formula
SO4 non-polymer 'SULFATE ION' 'O4 S -2'
#
# COMPACT_ATOMS: atom_id res chain seq x y z
N HIS A 20 15.34 -13.24 -2.41
CA HIS A 20 16.28 -12.16 -1.98
C HIS A 20 15.79 -10.79 -2.45
N MET A 21 16.01 -9.78 -1.61
CA MET A 21 15.64 -8.39 -1.89
C MET A 21 16.83 -7.70 -2.59
N THR A 22 16.85 -7.85 -3.92
CA THR A 22 17.83 -7.22 -4.82
C THR A 22 17.11 -6.12 -5.62
N PRO A 23 17.87 -5.08 -6.05
CA PRO A 23 17.25 -3.98 -6.80
C PRO A 23 16.76 -4.39 -8.18
N LEU A 24 15.92 -3.56 -8.77
CA LEU A 24 15.44 -3.79 -10.12
C LEU A 24 16.61 -3.60 -11.08
N THR A 25 16.50 -4.13 -12.29
CA THR A 25 17.52 -3.87 -13.32
C THR A 25 17.32 -2.45 -13.84
N PRO A 26 18.34 -1.87 -14.52
CA PRO A 26 18.14 -0.58 -15.19
C PRO A 26 16.94 -0.53 -16.12
N GLU A 27 16.72 -1.56 -16.94
CA GLU A 27 15.58 -1.51 -17.85
C GLU A 27 14.29 -1.44 -17.04
N GLN A 28 14.24 -2.24 -15.97
CA GLN A 28 13.05 -2.30 -15.11
C GLN A 28 12.81 -0.96 -14.43
N THR A 29 13.88 -0.40 -13.90
CA THR A 29 13.86 0.92 -13.26
C THR A 29 13.25 1.98 -14.17
N HIS A 30 13.73 2.02 -15.42
N HIS A 30 13.69 2.07 -15.42
CA HIS A 30 13.30 2.99 -16.40
CA HIS A 30 13.17 3.13 -16.29
C HIS A 30 11.79 2.90 -16.66
C HIS A 30 11.72 2.93 -16.68
N ALA A 31 11.35 1.67 -16.93
CA ALA A 31 9.96 1.38 -17.25
C ALA A 31 9.05 1.72 -16.06
N TYR A 32 9.52 1.46 -14.85
CA TYR A 32 8.71 1.71 -13.62
C TYR A 32 8.57 3.22 -13.45
N LEU A 33 9.69 3.92 -13.55
CA LEU A 33 9.71 5.38 -13.48
C LEU A 33 8.76 5.98 -14.50
N HIS A 34 8.84 5.51 -15.74
CA HIS A 34 7.94 6.01 -16.76
C HIS A 34 6.48 5.71 -16.42
N HIS A 35 6.23 4.52 -15.90
CA HIS A 35 4.86 4.13 -15.56
C HIS A 35 4.23 5.11 -14.56
N ILE A 36 5.00 5.54 -13.57
CA ILE A 36 4.44 6.40 -12.53
C ILE A 36 4.65 7.90 -12.85
N GLY A 37 5.25 8.20 -13.99
CA GLY A 37 5.27 9.58 -14.50
C GLY A 37 6.43 10.43 -13.98
N ILE A 38 7.51 9.79 -13.55
CA ILE A 38 8.70 10.49 -13.11
C ILE A 38 9.75 10.30 -14.24
N ASP A 39 10.27 11.38 -14.81
CA ASP A 39 11.32 11.27 -15.85
C ASP A 39 12.71 11.21 -15.19
N ASP A 40 13.03 12.20 -14.36
CA ASP A 40 14.30 12.24 -13.65
C ASP A 40 14.08 12.18 -12.13
N PRO A 41 14.35 11.00 -11.50
CA PRO A 41 14.06 10.85 -10.07
C PRO A 41 14.99 11.64 -9.16
N GLY A 42 16.19 12.02 -9.66
CA GLY A 42 17.12 12.83 -8.89
C GLY A 42 17.82 11.96 -7.85
N PRO A 43 18.80 12.49 -7.12
CA PRO A 43 19.52 11.66 -6.17
C PRO A 43 18.73 11.44 -4.88
N PRO A 44 19.14 10.47 -4.06
CA PRO A 44 18.39 10.21 -2.84
C PRO A 44 18.25 11.42 -1.92
N SER A 45 17.01 11.78 -1.61
CA SER A 45 16.70 12.81 -0.61
C SER A 45 15.26 12.65 -0.21
N LEU A 46 14.84 13.31 0.86
CA LEU A 46 13.46 13.22 1.30
C LEU A 46 12.52 13.83 0.25
N ALA A 47 12.89 14.98 -0.31
CA ALA A 47 12.04 15.61 -1.34
C ALA A 47 11.84 14.66 -2.50
N ASN A 48 12.91 14.02 -2.95
CA ASN A 48 12.79 13.08 -4.07
C ASN A 48 12.02 11.80 -3.76
N LEU A 49 12.24 11.30 -2.56
CA LEU A 49 11.46 10.16 -2.06
C LEU A 49 9.98 10.49 -2.02
N ASP A 50 9.62 11.67 -1.51
CA ASP A 50 8.22 12.07 -1.43
C ASP A 50 7.58 12.19 -2.82
N ARG A 51 8.38 12.57 -3.80
CA ARG A 51 7.90 12.71 -5.18
C ARG A 51 7.56 11.33 -5.73
N LEU A 52 8.45 10.35 -5.47
CA LEU A 52 8.22 8.96 -5.89
C LEU A 52 6.97 8.41 -5.18
N ILE A 53 6.89 8.60 -3.86
CA ILE A 53 5.70 8.11 -3.12
C ILE A 53 4.38 8.69 -3.62
N ASP A 54 4.36 10.02 -3.82
CA ASP A 54 3.16 10.67 -4.28
C ASP A 54 2.79 10.18 -5.68
N ALA A 55 3.78 9.98 -6.54
CA ALA A 55 3.49 9.55 -7.90
C ALA A 55 2.96 8.09 -7.88
N HIS A 56 3.56 7.28 -7.02
CA HIS A 56 3.15 5.87 -6.94
C HIS A 56 1.68 5.74 -6.43
N LEU A 57 1.32 6.51 -5.38
CA LEU A 57 -0.04 6.47 -4.84
C LEU A 57 -1.10 6.93 -5.85
N ARG A 58 -0.72 7.81 -6.76
CA ARG A 58 -1.64 8.29 -7.81
C ARG A 58 -1.73 7.37 -9.05
N ARG A 59 -0.69 6.60 -9.32
CA ARG A 59 -0.71 5.72 -10.47
C ARG A 59 -1.13 4.24 -10.18
N VAL A 60 -0.72 3.72 -9.01
CA VAL A 60 -0.79 2.26 -8.76
C VAL A 60 -1.75 2.04 -7.61
N ALA A 61 -2.91 1.49 -7.92
CA ALA A 61 -3.95 1.32 -6.90
C ALA A 61 -3.58 0.20 -5.93
N PHE A 62 -3.98 0.40 -4.69
CA PHE A 62 -4.12 -0.73 -3.76
C PHE A 62 -5.35 -1.49 -4.29
N GLU A 63 -5.25 -2.81 -4.49
CA GLU A 63 -6.43 -3.60 -4.91
C GLU A 63 -6.20 -5.09 -4.68
N ASN A 64 -7.29 -5.83 -4.48
CA ASN A 64 -7.17 -7.30 -4.24
C ASN A 64 -7.93 -8.08 -5.30
N LEU A 65 -8.02 -7.53 -6.53
CA LEU A 65 -8.84 -8.23 -7.53
C LEU A 65 -8.39 -9.65 -7.83
N ASP A 66 -7.09 -9.86 -7.98
CA ASP A 66 -6.59 -11.23 -8.18
C ASP A 66 -6.96 -12.19 -7.05
N VAL A 67 -6.98 -11.73 -5.81
CA VAL A 67 -7.38 -12.60 -4.71
C VAL A 67 -8.83 -13.00 -4.92
N LEU A 68 -9.65 -12.06 -5.40
CA LEU A 68 -11.09 -12.37 -5.62
C LEU A 68 -11.34 -13.33 -6.79
N LEU A 69 -10.42 -13.31 -7.76
CA LEU A 69 -10.39 -14.31 -8.83
C LEU A 69 -9.74 -15.67 -8.43
N ASP A 70 -9.35 -15.79 -7.16
N ASP A 70 -9.30 -15.79 -7.18
CA ASP A 70 -8.60 -16.95 -6.63
CA ASP A 70 -8.63 -17.01 -6.71
C ASP A 70 -7.36 -17.24 -7.47
C ASP A 70 -7.26 -17.24 -7.34
N ARG A 71 -6.66 -16.18 -7.87
CA ARG A 71 -5.40 -16.28 -8.57
C ARG A 71 -4.32 -16.21 -7.50
N PRO A 72 -3.21 -16.94 -7.67
CA PRO A 72 -2.16 -16.84 -6.67
C PRO A 72 -1.53 -15.46 -6.71
N ILE A 73 -1.21 -14.92 -5.53
CA ILE A 73 -0.41 -13.70 -5.47
C ILE A 73 1.07 -14.07 -5.37
N GLU A 74 1.81 -13.87 -6.45
CA GLU A 74 3.23 -14.21 -6.43
C GLU A 74 4.01 -12.95 -6.09
N ILE A 75 4.98 -13.07 -5.19
CA ILE A 75 5.73 -11.89 -4.75
C ILE A 75 7.21 -11.83 -5.21
N ASP A 76 7.58 -12.70 -6.13
CA ASP A 76 8.91 -12.60 -6.74
C ASP A 76 8.99 -11.37 -7.63
N ALA A 77 10.20 -10.80 -7.76
CA ALA A 77 10.40 -9.49 -8.37
C ALA A 77 9.80 -9.40 -9.76
N ASP A 78 10.20 -10.32 -10.62
CA ASP A 78 9.76 -10.28 -12.01
C ASP A 78 8.26 -10.49 -12.21
N LYS A 79 7.63 -11.27 -11.32
CA LYS A 79 6.18 -11.44 -11.34
C LYS A 79 5.39 -10.19 -10.94
N VAL A 80 5.80 -9.54 -9.86
CA VAL A 80 5.12 -8.31 -9.43
C VAL A 80 5.43 -7.20 -10.46
N PHE A 81 6.66 -7.15 -10.92
CA PHE A 81 6.99 -6.17 -11.99
C PHE A 81 6.07 -6.27 -13.22
N ALA A 82 5.91 -7.50 -13.71
CA ALA A 82 5.05 -7.79 -14.84
C ALA A 82 3.57 -7.47 -14.55
N LYS A 83 3.12 -7.76 -13.33
CA LYS A 83 1.73 -7.45 -13.01
C LYS A 83 1.47 -5.94 -13.00
N VAL A 84 2.32 -5.23 -12.29
CA VAL A 84 2.10 -3.82 -12.02
C VAL A 84 2.48 -2.95 -13.19
N VAL A 85 3.73 -3.02 -13.59
CA VAL A 85 4.28 -2.09 -14.57
C VAL A 85 3.88 -2.48 -15.99
N GLU A 86 4.10 -3.73 -16.35
CA GLU A 86 3.74 -4.20 -17.68
C GLU A 86 2.25 -4.43 -17.84
N GLY A 87 1.57 -4.78 -16.74
CA GLY A 87 0.11 -5.07 -16.82
C GLY A 87 -0.82 -3.97 -16.38
N SER A 88 -0.28 -2.87 -15.84
CA SER A 88 -1.11 -1.78 -15.39
C SER A 88 -2.14 -2.22 -14.35
N ARG A 89 -1.66 -2.99 -13.36
CA ARG A 89 -2.50 -3.48 -12.27
C ARG A 89 -1.88 -2.96 -10.95
N GLY A 90 -2.60 -3.09 -9.83
CA GLY A 90 -2.01 -2.68 -8.54
C GLY A 90 -1.84 -3.97 -7.74
N GLY A 91 -1.97 -3.88 -6.42
CA GLY A 91 -1.84 -5.08 -5.59
C GLY A 91 -1.96 -4.64 -4.14
N TYR A 92 -1.57 -5.50 -3.20
CA TYR A 92 -1.66 -5.09 -1.80
C TYR A 92 -0.25 -4.99 -1.22
N CYS A 93 -0.09 -4.99 0.10
CA CYS A 93 1.18 -4.51 0.65
C CYS A 93 2.40 -5.32 0.26
N PHE A 94 2.27 -6.66 0.21
CA PHE A 94 3.46 -7.48 -0.11
C PHE A 94 3.89 -7.31 -1.55
N GLU A 95 2.97 -6.94 -2.44
CA GLU A 95 3.32 -6.69 -3.84
C GLU A 95 3.84 -5.25 -3.99
N LEU A 96 3.05 -4.26 -3.57
CA LEU A 96 3.42 -2.83 -3.84
C LEU A 96 4.65 -2.41 -3.05
N ASN A 97 4.72 -2.74 -1.75
CA ASN A 97 5.90 -2.28 -0.99
C ASN A 97 7.15 -3.05 -1.37
N SER A 98 7.01 -4.31 -1.79
CA SER A 98 8.25 -5.00 -2.19
C SER A 98 8.76 -4.46 -3.51
N LEU A 99 7.88 -4.26 -4.48
CA LEU A 99 8.32 -3.75 -5.74
C LEU A 99 8.90 -2.34 -5.57
N PHE A 100 8.30 -1.53 -4.71
CA PHE A 100 8.76 -0.14 -4.50
C PHE A 100 10.10 -0.18 -3.83
N ALA A 101 10.27 -1.10 -2.87
CA ALA A 101 11.59 -1.26 -2.25
C ALA A 101 12.71 -1.55 -3.26
N ARG A 102 12.43 -2.38 -4.24
CA ARG A 102 13.41 -2.74 -5.27
C ARG A 102 13.76 -1.57 -6.18
N LEU A 103 12.76 -0.72 -6.48
CA LEU A 103 13.02 0.54 -7.19
C LEU A 103 13.92 1.45 -6.36
N LEU A 104 13.54 1.68 -5.11
CA LEU A 104 14.36 2.52 -4.22
C LEU A 104 15.79 2.00 -4.08
N LEU A 105 15.97 0.70 -3.98
CA LEU A 105 17.34 0.17 -3.96
C LEU A 105 18.10 0.51 -5.26
N ALA A 106 17.42 0.39 -6.39
CA ALA A 106 18.02 0.67 -7.69
C ALA A 106 18.34 2.16 -7.86
N LEU A 107 17.59 3.04 -7.21
CA LEU A 107 17.85 4.50 -7.22
C LEU A 107 18.88 4.94 -6.17
N GLY A 108 19.37 3.98 -5.39
CA GLY A 108 20.48 4.25 -4.49
C GLY A 108 20.13 4.50 -3.04
N TYR A 109 18.87 4.27 -2.67
CA TYR A 109 18.47 4.48 -1.28
C TYR A 109 18.90 3.29 -0.43
N GLU A 110 19.06 3.51 0.87
N GLU A 110 19.17 3.54 0.85
CA GLU A 110 19.43 2.46 1.80
CA GLU A 110 19.46 2.52 1.84
C GLU A 110 18.28 2.19 2.77
C GLU A 110 18.15 2.23 2.60
N LEU A 111 17.81 0.95 2.76
CA LEU A 111 16.57 0.61 3.45
C LEU A 111 16.63 -0.77 4.07
N GLU A 112 15.70 -1.01 5.01
CA GLU A 112 15.50 -2.30 5.65
C GLU A 112 14.01 -2.64 5.55
N LEU A 113 13.67 -3.93 5.54
CA LEU A 113 12.25 -4.30 5.56
C LEU A 113 11.77 -4.38 7.01
N LEU A 114 10.54 -3.95 7.26
CA LEU A 114 9.96 -4.07 8.57
C LEU A 114 8.64 -4.83 8.45
N VAL A 115 8.13 -5.32 9.58
CA VAL A 115 6.81 -5.98 9.57
C VAL A 115 5.96 -5.38 10.70
N ALA A 116 4.65 -5.32 10.51
CA ALA A 116 3.81 -4.74 11.55
C ALA A 116 2.55 -5.53 11.80
N ARG A 117 1.94 -5.28 12.96
CA ARG A 117 0.62 -5.82 13.32
C ARG A 117 -0.40 -4.71 13.10
N VAL A 118 -1.43 -4.99 12.32
CA VAL A 118 -2.33 -3.97 11.88
C VAL A 118 -3.38 -3.78 13.00
N ARG A 119 -3.67 -2.50 13.29
CA ARG A 119 -4.62 -2.11 14.33
C ARG A 119 -5.71 -1.18 13.78
N TRP A 120 -5.66 -0.84 12.51
CA TRP A 120 -6.53 0.21 11.99
C TRP A 120 -7.99 -0.15 12.16
N GLY A 121 -8.70 0.69 12.90
CA GLY A 121 -10.13 0.52 13.13
C GLY A 121 -10.46 -0.35 14.35
N LEU A 122 -9.44 -0.70 15.13
CA LEU A 122 -9.57 -1.52 16.34
C LEU A 122 -9.42 -0.68 17.59
N PRO A 123 -10.24 -0.91 18.63
CA PRO A 123 -10.00 -0.32 19.96
C PRO A 123 -8.72 -0.88 20.58
N ASP A 124 -8.03 -0.11 21.41
CA ASP A 124 -6.79 -0.61 22.02
C ASP A 124 -7.06 -1.84 22.91
N ASP A 125 -8.35 -2.11 23.16
CA ASP A 125 -8.83 -3.31 23.85
C ASP A 125 -8.72 -4.60 23.06
N ALA A 126 -8.92 -4.51 21.74
CA ALA A 126 -8.99 -5.68 20.86
C ALA A 126 -7.73 -6.53 20.99
N PRO A 127 -7.85 -7.87 20.80
CA PRO A 127 -6.67 -8.70 21.05
C PRO A 127 -5.60 -8.49 20.00
N LEU A 128 -4.43 -9.04 20.28
CA LEU A 128 -3.31 -9.07 19.38
C LEU A 128 -3.68 -9.52 17.97
N THR A 129 -3.03 -8.92 16.97
CA THR A 129 -3.22 -9.27 15.57
C THR A 129 -1.86 -9.77 15.07
N GLN A 130 -1.89 -10.46 13.93
CA GLN A 130 -0.71 -11.17 13.37
C GLN A 130 0.29 -10.18 12.83
N GLN A 131 1.59 -10.47 12.86
CA GLN A 131 2.56 -9.64 12.09
C GLN A 131 2.25 -9.90 10.64
N SER A 132 1.79 -8.90 9.90
CA SER A 132 1.10 -9.10 8.59
C SER A 132 1.04 -7.90 7.63
N HIS A 133 1.94 -6.95 7.80
CA HIS A 133 2.03 -5.85 6.88
C HIS A 133 3.51 -5.59 6.66
N LEU A 134 3.92 -5.42 5.41
CA LEU A 134 5.30 -5.05 5.09
C LEU A 134 5.36 -3.52 4.95
N MET A 135 6.38 -2.89 5.53
CA MET A 135 6.65 -1.51 5.20
C MET A 135 8.17 -1.31 5.34
N LEU A 136 8.65 -0.11 5.03
CA LEU A 136 10.09 0.04 4.79
C LEU A 136 10.69 1.07 5.69
N ARG A 137 11.93 0.83 6.11
CA ARG A 137 12.69 1.79 6.90
C ARG A 137 13.77 2.36 6.02
N LEU A 138 13.74 3.68 5.82
CA LEU A 138 14.69 4.32 4.89
C LEU A 138 15.70 5.10 5.68
N TYR A 139 16.97 5.01 5.29
CA TYR A 139 18.06 5.66 6.02
C TYR A 139 18.63 6.72 5.10
N LEU A 140 18.19 7.96 5.31
CA LEU A 140 18.66 9.07 4.47
C LEU A 140 19.69 9.86 5.27
N ALA A 141 20.55 10.60 4.57
CA ALA A 141 21.49 11.46 5.25
C ALA A 141 20.77 12.37 6.23
N GLU A 142 19.57 12.84 5.86
CA GLU A 142 18.82 13.77 6.68
C GLU A 142 17.96 13.17 7.78
N GLY A 143 17.91 11.85 7.90
CA GLY A 143 17.18 11.18 9.00
C GLY A 143 16.59 9.87 8.53
N GLU A 144 15.89 9.19 9.42
CA GLU A 144 15.23 7.93 9.12
C GLU A 144 13.73 8.13 8.92
N PHE A 145 13.15 7.35 8.01
CA PHE A 145 11.79 7.53 7.61
C PHE A 145 11.12 6.18 7.46
N LEU A 146 9.83 6.16 7.74
CA LEU A 146 9.02 4.96 7.45
C LEU A 146 8.29 5.19 6.14
N VAL A 147 8.41 4.23 5.22
CA VAL A 147 7.84 4.39 3.88
C VAL A 147 6.82 3.25 3.63
N ASP A 148 5.63 3.60 3.16
CA ASP A 148 4.53 2.67 2.89
C ASP A 148 3.77 3.18 1.69
N VAL A 149 3.62 2.37 0.65
CA VAL A 149 2.75 2.72 -0.48
C VAL A 149 1.63 1.69 -0.66
N GLY A 150 1.48 0.82 0.34
CA GLY A 150 0.67 -0.37 0.13
C GLY A 150 -0.31 -0.63 1.26
N PHE A 151 -0.69 0.41 2.01
CA PHE A 151 -1.62 0.17 3.12
C PHE A 151 -3.06 0.48 2.75
N GLY A 152 -3.29 1.09 1.59
CA GLY A 152 -4.65 1.24 1.14
C GLY A 152 -5.30 2.52 1.62
N SER A 153 -6.54 2.40 2.07
CA SER A 153 -7.33 3.57 2.43
C SER A 153 -6.59 4.56 3.33
N ALA A 154 -6.01 4.06 4.40
CA ALA A 154 -5.38 4.96 5.35
C ALA A 154 -3.87 5.17 5.08
N ASN A 155 -3.40 4.86 3.88
CA ASN A 155 -1.94 5.00 3.61
C ASN A 155 -1.54 6.49 3.78
N PRO A 156 -0.38 6.79 4.43
CA PRO A 156 0.10 8.19 4.54
C PRO A 156 0.45 8.71 3.13
N PRO A 157 0.39 10.04 2.90
CA PRO A 157 0.65 10.57 1.56
C PRO A 157 2.15 10.87 1.28
N ARG A 158 3.01 10.55 2.24
CA ARG A 158 4.44 10.91 2.16
C ARG A 158 5.24 9.98 3.06
N ALA A 159 6.57 10.12 3.08
CA ALA A 159 7.44 9.37 3.98
C ALA A 159 7.30 10.00 5.35
N LEU A 160 7.22 9.17 6.41
CA LEU A 160 7.06 9.69 7.78
C LEU A 160 8.36 9.64 8.55
N PRO A 161 8.80 10.78 9.14
CA PRO A 161 10.02 10.74 9.97
C PRO A 161 9.88 9.70 11.08
N LEU A 162 10.93 8.92 11.31
CA LEU A 162 10.87 7.87 12.30
C LEU A 162 11.76 8.23 13.51
N PRO A 163 11.16 8.71 14.62
CA PRO A 163 9.74 8.99 14.85
C PRO A 163 9.44 10.43 14.46
N GLY A 164 8.15 10.81 14.52
CA GLY A 164 7.74 12.16 14.19
C GLY A 164 7.64 13.03 15.42
N ASP A 165 7.00 14.19 15.25
CA ASP A 165 6.89 15.14 16.34
C ASP A 165 5.42 15.27 16.67
N GLU A 166 5.02 14.76 17.80
CA GLU A 166 3.63 14.82 18.21
C GLU A 166 3.14 16.27 18.45
N ALA A 167 4.06 17.20 18.65
CA ALA A 167 3.68 18.60 18.86
C ALA A 167 3.56 19.42 17.58
N ASP A 168 3.75 18.79 16.44
CA ASP A 168 3.65 19.51 15.17
C ASP A 168 2.25 19.27 14.62
N ALA A 169 1.38 20.30 14.66
CA ALA A 169 -0.01 20.07 14.23
C ALA A 169 -0.14 19.76 12.73
N GLY A 170 0.83 20.20 11.92
CA GLY A 170 0.90 19.74 10.52
C GLY A 170 1.06 18.22 10.33
N GLN A 171 1.50 17.50 11.36
CA GLN A 171 1.77 16.07 11.23
C GLN A 171 0.56 15.35 11.73
N VAL A 172 -0.36 15.05 10.82
CA VAL A 172 -1.58 14.31 11.17
C VAL A 172 -1.27 12.80 11.26
N HIS A 173 -0.50 12.31 10.29
CA HIS A 173 0.14 10.99 10.39
C HIS A 173 1.43 11.18 11.14
N CYS A 174 1.69 10.33 12.13
CA CYS A 174 2.87 10.50 12.98
C CYS A 174 3.31 9.13 13.51
N VAL A 175 4.61 8.86 13.43
CA VAL A 175 5.20 7.62 14.00
C VAL A 175 5.64 7.96 15.42
N ARG A 176 5.25 7.14 16.40
CA ARG A 176 5.49 7.45 17.81
C ARG A 176 6.11 6.21 18.46
N LEU A 177 7.04 6.41 19.37
CA LEU A 177 7.55 5.33 20.23
C LEU A 177 6.60 5.16 21.38
N VAL A 178 5.83 4.08 21.40
CA VAL A 178 4.83 3.92 22.45
C VAL A 178 5.26 3.09 23.67
N ASP A 179 6.29 2.27 23.52
CA ASP A 179 6.83 1.49 24.64
C ASP A 179 8.34 1.40 24.47
N PRO A 180 9.06 2.31 25.14
CA PRO A 180 10.50 2.39 24.97
C PRO A 180 11.14 1.09 25.43
N HIS A 181 10.67 0.52 26.54
CA HIS A 181 11.18 -0.77 27.03
C HIS A 181 11.15 -1.83 25.92
N ALA A 182 9.98 -1.99 25.28
CA ALA A 182 9.79 -3.05 24.28
C ALA A 182 10.24 -2.65 22.87
N GLY A 183 10.70 -1.40 22.71
CA GLY A 183 11.09 -0.82 21.39
C GLY A 183 9.90 -0.79 20.41
N LEU A 184 8.69 -0.59 20.94
CA LEU A 184 7.44 -0.69 20.18
C LEU A 184 7.01 0.67 19.64
N TYR A 185 6.83 0.73 18.33
CA TYR A 185 6.44 1.97 17.65
C TYR A 185 5.05 1.79 17.10
N GLU A 186 4.39 2.90 16.73
CA GLU A 186 3.16 2.83 15.98
C GLU A 186 3.20 3.88 14.90
N SER A 187 2.60 3.62 13.74
CA SER A 187 2.27 4.65 12.77
C SER A 187 0.82 5.02 13.08
N ALA A 188 0.57 6.29 13.46
CA ALA A 188 -0.77 6.66 13.97
C ALA A 188 -1.30 7.89 13.28
N VAL A 189 -2.60 8.13 13.44
CA VAL A 189 -3.21 9.41 12.98
C VAL A 189 -3.88 10.14 14.14
N ARG A 190 -3.83 11.46 14.10
CA ARG A 190 -4.19 12.28 15.23
C ARG A 190 -5.70 12.11 15.42
N GLY A 191 -6.10 11.59 16.58
CA GLY A 191 -7.53 11.55 16.90
C GLY A 191 -7.95 12.54 17.98
N ARG A 192 -9.27 12.57 18.25
CA ARG A 192 -9.82 13.33 19.37
C ARG A 192 -9.54 12.64 20.68
N SER A 193 -9.63 11.31 20.66
CA SER A 193 -9.51 10.50 21.86
C SER A 193 -8.11 9.96 22.01
N GLY A 194 -7.22 10.45 21.16
CA GLY A 194 -5.81 10.12 21.26
C GLY A 194 -5.31 9.78 19.89
N TRP A 195 -4.14 9.17 19.86
CA TRP A 195 -3.59 8.70 18.59
C TRP A 195 -4.25 7.40 18.13
N LEU A 196 -4.72 7.33 16.89
CA LEU A 196 -5.35 6.08 16.39
C LEU A 196 -4.32 5.30 15.55
N PRO A 197 -3.86 4.13 16.03
CA PRO A 197 -2.85 3.39 15.30
C PRO A 197 -3.34 2.79 14.00
N LEU A 198 -2.55 2.97 12.93
CA LEU A 198 -2.67 2.13 11.74
C LEU A 198 -2.11 0.73 12.03
N TYR A 199 -0.92 0.69 12.61
CA TYR A 199 -0.25 -0.57 12.88
C TYR A 199 0.87 -0.35 13.84
N ARG A 200 1.29 -1.42 14.53
CA ARG A 200 2.36 -1.26 15.49
C ARG A 200 3.48 -2.22 15.11
N PHE A 201 4.71 -1.82 15.40
CA PHE A 201 5.88 -2.59 15.00
C PHE A 201 7.12 -2.32 15.88
N ASP A 202 8.08 -3.23 15.84
CA ASP A 202 9.40 -2.95 16.36
C ASP A 202 10.36 -2.90 15.17
N LEU A 203 11.62 -2.55 15.45
CA LEU A 203 12.61 -2.26 14.41
C LEU A 203 13.50 -3.43 14.01
N ARG A 204 13.08 -4.66 14.34
CA ARG A 204 13.83 -5.86 13.88
C ARG A 204 13.84 -5.91 12.36
N PRO A 205 15.01 -5.81 11.72
CA PRO A 205 14.97 -5.92 10.23
C PRO A 205 14.57 -7.30 9.77
N GLN A 206 13.88 -7.36 8.65
CA GLN A 206 13.26 -8.59 8.18
C GLN A 206 13.96 -9.11 6.99
N LEU A 207 13.96 -10.43 6.88
CA LEU A 207 14.49 -11.06 5.67
C LEU A 207 13.35 -11.23 4.75
N TRP A 208 13.61 -11.07 3.46
CA TRP A 208 12.56 -11.17 2.47
C TRP A 208 11.85 -12.53 2.46
N ILE A 209 12.58 -13.62 2.72
CA ILE A 209 11.84 -14.92 2.65
C ILE A 209 10.77 -15.10 3.71
N ASP A 210 10.88 -14.35 4.79
CA ASP A 210 9.89 -14.47 5.85
C ASP A 210 8.54 -13.89 5.48
N TYR A 211 8.46 -13.18 4.37
CA TYR A 211 7.12 -12.72 3.91
C TYR A 211 6.34 -13.74 3.07
N ILE A 212 6.98 -14.84 2.69
CA ILE A 212 6.27 -15.88 1.97
C ILE A 212 5.07 -16.46 2.73
N PRO A 213 5.24 -16.90 3.99
CA PRO A 213 4.05 -17.35 4.74
C PRO A 213 3.09 -16.22 5.07
N ARG A 214 3.60 -14.99 5.22
CA ARG A 214 2.69 -13.85 5.50
C ARG A 214 1.80 -13.59 4.29
N ASN A 215 2.40 -13.54 3.10
CA ASN A 215 1.62 -13.38 1.88
C ASN A 215 0.67 -14.56 1.63
N TRP A 216 1.14 -15.76 1.96
CA TRP A 216 0.31 -16.94 1.70
C TRP A 216 -0.95 -16.84 2.53
N TYR A 217 -0.77 -16.47 3.78
CA TYR A 217 -1.88 -16.31 4.68
C TYR A 217 -2.92 -15.26 4.16
N THR A 218 -2.46 -14.05 3.84
N THR A 218 -2.40 -14.07 3.84
CA THR A 218 -3.44 -13.04 3.35
CA THR A 218 -3.25 -13.00 3.33
C THR A 218 -4.10 -13.39 2.03
C THR A 218 -4.03 -13.37 2.07
N SER A 219 -3.38 -14.08 1.15
CA SER A 219 -3.93 -14.41 -0.12
C SER A 219 -4.79 -15.68 -0.10
N THR A 220 -4.62 -16.57 0.90
CA THR A 220 -5.34 -17.87 0.83
C THR A 220 -6.11 -18.27 2.06
N HIS A 221 -5.83 -17.69 3.20
CA HIS A 221 -6.51 -18.08 4.40
C HIS A 221 -7.99 -17.62 4.37
N PRO A 222 -8.95 -18.55 4.55
CA PRO A 222 -10.36 -18.19 4.41
C PRO A 222 -10.83 -17.08 5.32
N HIS A 223 -10.15 -16.85 6.43
CA HIS A 223 -10.50 -15.74 7.32
C HIS A 223 -9.74 -14.43 6.98
N SER A 224 -8.93 -14.45 5.92
CA SER A 224 -8.27 -13.23 5.49
C SER A 224 -9.31 -12.21 5.00
N VAL A 225 -9.24 -11.00 5.52
CA VAL A 225 -10.11 -9.93 5.00
C VAL A 225 -10.03 -9.76 3.47
N PHE A 226 -8.88 -10.09 2.87
CA PHE A 226 -8.73 -9.95 1.40
C PHE A 226 -9.42 -10.98 0.56
N ARG A 227 -9.87 -12.04 1.21
CA ARG A 227 -10.72 -13.00 0.56
C ARG A 227 -12.22 -12.77 0.82
N GLN A 228 -12.59 -11.73 1.53
CA GLN A 228 -14.00 -11.57 1.91
C GLN A 228 -14.75 -10.44 1.15
N GLY A 229 -14.01 -9.63 0.40
CA GLY A 229 -14.69 -8.63 -0.41
C GLY A 229 -13.65 -7.79 -1.11
N LEU A 230 -14.14 -6.87 -1.93
CA LEU A 230 -13.29 -6.02 -2.73
C LEU A 230 -12.73 -4.90 -1.87
N LYS A 231 -11.43 -4.66 -1.98
CA LYS A 231 -10.85 -3.51 -1.31
C LYS A 231 -9.93 -2.82 -2.30
N ALA A 232 -10.14 -1.53 -2.51
CA ALA A 232 -9.28 -0.82 -3.41
C ALA A 232 -9.06 0.61 -2.93
N ALA A 233 -7.91 1.20 -3.31
CA ALA A 233 -7.62 2.60 -2.95
C ALA A 233 -6.68 3.25 -3.95
N ILE A 234 -6.83 4.56 -4.19
CA ILE A 234 -5.91 5.27 -5.04
C ILE A 234 -6.04 6.75 -4.69
N THR A 235 -4.99 7.53 -4.96
CA THR A 235 -5.06 8.99 -4.77
C THR A 235 -5.39 9.63 -6.12
N GLU A 236 -6.33 10.56 -6.12
CA GLU A 236 -6.68 11.28 -7.34
C GLU A 236 -6.97 12.72 -6.92
N GLY A 237 -6.18 13.66 -7.41
CA GLY A 237 -6.35 15.07 -7.01
C GLY A 237 -6.12 15.28 -5.53
N ASP A 238 -7.09 15.90 -4.86
CA ASP A 238 -6.98 16.12 -3.43
C ASP A 238 -7.55 14.91 -2.68
N LEU A 239 -7.91 13.81 -3.36
CA LEU A 239 -8.80 12.84 -2.73
C LEU A 239 -8.13 11.46 -2.66
N ARG A 240 -8.53 10.70 -1.66
CA ARG A 240 -8.19 9.25 -1.59
C ARG A 240 -9.49 8.56 -1.95
N LEU A 241 -9.48 7.82 -3.05
CA LEU A 241 -10.68 7.15 -3.53
C LEU A 241 -10.58 5.75 -2.96
N THR A 242 -11.70 5.18 -2.53
CA THR A 242 -11.70 3.80 -2.03
C THR A 242 -12.90 3.03 -2.51
N LEU A 243 -12.79 1.71 -2.54
CA LEU A 243 -13.93 0.86 -2.72
C LEU A 243 -13.89 -0.17 -1.62
N ALA A 244 -15.05 -0.38 -1.00
CA ALA A 244 -15.22 -1.47 -0.03
C ALA A 244 -16.45 -2.15 -0.54
N ASP A 245 -16.25 -3.31 -1.18
CA ASP A 245 -17.30 -3.93 -1.94
C ASP A 245 -17.86 -2.85 -2.87
N GLY A 246 -19.18 -2.70 -2.92
CA GLY A 246 -19.80 -1.71 -3.84
C GLY A 246 -19.83 -0.27 -3.30
N LEU A 247 -19.24 -0.02 -2.13
CA LEU A 247 -19.30 1.33 -1.55
C LEU A 247 -18.09 2.17 -2.00
N PHE A 248 -18.39 3.21 -2.77
CA PHE A 248 -17.35 4.09 -3.33
C PHE A 248 -17.20 5.35 -2.49
N GLY A 249 -16.01 5.57 -1.99
CA GLY A 249 -15.73 6.65 -1.05
C GLY A 249 -14.67 7.58 -1.60
N GLN A 250 -14.77 8.86 -1.24
CA GLN A 250 -13.81 9.87 -1.66
C GLN A 250 -13.50 10.69 -0.43
N ARG A 251 -12.25 10.65 0.01
CA ARG A 251 -11.87 11.26 1.26
C ARG A 251 -10.85 12.37 1.00
N ALA A 252 -11.17 13.57 1.48
CA ALA A 252 -10.36 14.78 1.29
C ALA A 252 -9.04 14.76 2.08
N GLY A 253 -8.91 13.83 3.00
CA GLY A 253 -7.61 13.53 3.55
C GLY A 253 -7.51 14.13 4.92
N ASN A 254 -8.37 15.11 5.17
CA ASN A 254 -8.61 15.64 6.50
C ASN A 254 -9.90 15.04 7.00
N GLY A 255 -10.71 14.55 6.07
CA GLY A 255 -11.63 13.48 6.41
C GLY A 255 -13.09 13.73 6.16
N GLU A 256 -13.43 14.82 5.48
CA GLU A 256 -14.77 14.84 4.95
C GLU A 256 -14.76 13.86 3.78
N THR A 257 -15.66 12.88 3.86
CA THR A 257 -15.73 11.78 2.93
C THR A 257 -17.12 11.74 2.33
N LEU A 258 -17.18 11.68 1.01
CA LEU A 258 -18.44 11.43 0.35
C LEU A 258 -18.48 9.96 -0.04
N GLN A 259 -19.63 9.33 0.11
CA GLN A 259 -19.78 7.91 -0.20
C GLN A 259 -21.06 7.63 -0.94
N ARG A 260 -21.04 6.56 -1.72
CA ARG A 260 -22.09 6.24 -2.65
C ARG A 260 -22.07 4.72 -2.83
N GLN A 261 -23.23 4.04 -2.69
CA GLN A 261 -23.30 2.63 -3.06
C GLN A 261 -23.39 2.55 -4.56
N LEU A 262 -22.47 1.82 -5.19
CA LEU A 262 -22.53 1.66 -6.62
C LEU A 262 -23.77 0.85 -7.00
N ARG A 263 -24.38 1.28 -8.10
CA ARG A 263 -25.69 0.80 -8.56
C ARG A 263 -25.68 -0.63 -9.12
N ASP A 264 -24.65 -0.97 -9.88
CA ASP A 264 -24.53 -2.26 -10.53
C ASP A 264 -23.09 -2.57 -10.90
N VAL A 265 -22.82 -3.82 -11.27
CA VAL A 265 -21.44 -4.27 -11.56
C VAL A 265 -20.79 -3.53 -12.71
N GLU A 266 -21.61 -3.12 -13.67
CA GLU A 266 -21.16 -2.35 -14.83
C GLU A 266 -20.51 -1.01 -14.42
N GLU A 267 -21.12 -0.35 -13.44
CA GLU A 267 -20.58 0.89 -12.89
C GLU A 267 -19.27 0.61 -12.13
N LEU A 268 -19.29 -0.45 -11.34
CA LEU A 268 -18.13 -0.86 -10.56
C LEU A 268 -16.95 -1.12 -11.50
N LEU A 269 -17.18 -1.89 -12.55
CA LEU A 269 -16.12 -2.19 -13.54
C LEU A 269 -15.58 -0.98 -14.26
N ASP A 270 -16.46 -0.05 -14.60
CA ASP A 270 -16.04 1.21 -15.26
C ASP A 270 -15.15 2.02 -14.33
N ILE A 271 -15.56 2.17 -13.07
CA ILE A 271 -14.77 2.90 -12.06
C ILE A 271 -13.39 2.23 -11.83
N LEU A 272 -13.38 0.91 -11.73
CA LEU A 272 -12.08 0.22 -11.58
C LEU A 272 -11.15 0.55 -12.74
N GLN A 273 -11.71 0.64 -13.94
CA GLN A 273 -10.83 0.81 -15.08
C GLN A 273 -10.49 2.27 -15.30
N THR A 274 -11.32 3.17 -14.81
N THR A 274 -11.31 3.16 -14.76
CA THR A 274 -11.03 4.58 -15.04
CA THR A 274 -11.18 4.59 -15.06
C THR A 274 -10.40 5.17 -13.78
C THR A 274 -10.55 5.36 -13.90
N ARG A 275 -11.20 5.33 -12.73
CA ARG A 275 -10.77 6.03 -11.51
C ARG A 275 -9.56 5.31 -10.85
N PHE A 276 -9.55 3.99 -10.89
CA PHE A 276 -8.45 3.25 -10.27
C PHE A 276 -7.39 2.85 -11.24
N ARG A 277 -7.61 3.17 -12.52
CA ARG A 277 -6.57 3.04 -13.55
C ARG A 277 -6.12 1.60 -13.84
N LEU A 278 -7.00 0.64 -13.66
CA LEU A 278 -6.57 -0.79 -13.73
C LEU A 278 -6.82 -1.25 -15.14
N ARG A 279 -5.89 -1.97 -15.75
CA ARG A 279 -6.20 -2.53 -17.04
C ARG A 279 -6.71 -3.95 -16.81
N LEU A 280 -7.96 -4.21 -17.23
CA LEU A 280 -8.61 -5.52 -17.09
C LEU A 280 -8.89 -6.12 -18.47
N ASP A 281 -8.39 -7.32 -18.73
CA ASP A 281 -8.59 -7.92 -20.05
C ASP A 281 -10.05 -8.14 -20.36
N PRO A 282 -10.53 -7.62 -21.50
CA PRO A 282 -11.94 -7.73 -21.84
C PRO A 282 -12.46 -9.17 -22.02
N ALA A 283 -11.58 -10.15 -22.19
CA ALA A 283 -12.00 -11.55 -22.43
C ALA A 283 -11.71 -12.46 -21.24
N SER A 284 -10.51 -12.35 -20.69
CA SER A 284 -10.07 -13.28 -19.67
C SER A 284 -10.26 -12.81 -18.24
N GLU A 285 -10.65 -11.54 -18.05
CA GLU A 285 -10.81 -10.96 -16.71
C GLU A 285 -12.18 -10.35 -16.50
N VAL A 286 -12.60 -9.44 -17.40
CA VAL A 286 -13.84 -8.68 -17.13
C VAL A 286 -15.07 -9.57 -16.97
N PRO A 287 -15.28 -10.52 -17.90
CA PRO A 287 -16.43 -11.42 -17.70
C PRO A 287 -16.44 -12.18 -16.39
N ALA A 288 -15.29 -12.73 -15.97
CA ALA A 288 -15.24 -13.50 -14.71
C ALA A 288 -15.40 -12.56 -13.52
N LEU A 289 -14.80 -11.35 -13.60
CA LEU A 289 -15.00 -10.31 -12.57
C LEU A 289 -16.45 -9.82 -12.44
N ALA A 290 -17.14 -9.61 -13.57
CA ALA A 290 -18.55 -9.21 -13.58
C ALA A 290 -19.40 -10.19 -12.79
N ARG A 291 -19.14 -11.48 -12.98
CA ARG A 291 -19.82 -12.50 -12.21
C ARG A 291 -19.39 -12.47 -10.72
N ARG A 292 -18.09 -12.41 -10.46
CA ARG A 292 -17.65 -12.44 -9.05
C ARG A 292 -18.10 -11.22 -8.26
N LEU A 293 -18.10 -10.05 -8.90
CA LEU A 293 -18.37 -8.81 -8.18
C LEU A 293 -19.86 -8.60 -7.93
N ALA A 294 -20.70 -9.23 -8.77
CA ALA A 294 -22.15 -9.08 -8.70
C ALA A 294 -22.73 -9.30 -7.31
N GLY A 295 -22.14 -10.22 -6.55
CA GLY A 295 -22.60 -10.50 -5.20
C GLY A 295 -22.23 -9.44 -4.19
N LEU A 296 -21.26 -8.59 -4.53
CA LEU A 296 -20.86 -7.48 -3.64
C LEU A 296 -21.78 -6.28 -3.78
N ILE A 297 -22.51 -6.25 -4.78
S SO4 B . 0.00 14.25 6.81
O1 SO4 B . 0.69 14.26 8.08
O2 SO4 B . -0.54 15.58 6.44
O3 SO4 B . 0.96 13.81 5.79
O4 SO4 B . -1.25 13.50 6.81
S SO4 C . 0.26 -4.28 19.57
O1 SO4 C . 0.26 -2.87 19.90
O2 SO4 C . -0.82 -4.88 20.38
O3 SO4 C . 0.01 -4.56 18.17
O4 SO4 C . 1.59 -4.81 19.91
#